data_4Q7O
#
_entry.id   4Q7O
#
_cell.length_a   45.383
_cell.length_b   53.532
_cell.length_c   59.699
_cell.angle_alpha   90.00
_cell.angle_beta   98.04
_cell.angle_gamma   90.00
#
_symmetry.space_group_name_H-M   'P 1 21 1'
#
loop_
_entity.id
_entity.type
_entity.pdbx_description
1 polymer 'Immunity protein'
2 non-polymer 'BROMIDE ION'
3 non-polymer 'FORMIC ACID'
4 water water
#
_entity_poly.entity_id   1
_entity_poly.type   'polypeptide(L)'
_entity_poly.pdbx_seq_one_letter_code
;SNAMKNNIFLNLNKKSINNNHFVISIFFETIYQFETKDTLLECFKNITTTGHFGVIGAQYEKIDATRWIGDYEEVNGFEY
IDKAPSIYFSVGDDFNPEELIIPINLAYHYFNIAISDFLIAHPEYQKKCKEIQKTYSQTNCSLHET
;
_entity_poly.pdbx_strand_id   A,B
#
# COMPACT_ATOMS: atom_id res chain seq x y z
N MET A 4 14.22 2.81 -7.45
CA MET A 4 13.22 1.77 -7.75
C MET A 4 12.61 2.00 -9.13
N LYS A 5 11.73 1.10 -9.57
CA LYS A 5 10.99 1.30 -10.81
C LYS A 5 10.06 2.49 -10.61
N ASN A 6 10.11 3.43 -11.53
CA ASN A 6 9.29 4.64 -11.42
C ASN A 6 7.82 4.33 -11.60
N ASN A 7 6.95 5.07 -10.90
CA ASN A 7 5.52 4.76 -10.96
C ASN A 7 4.91 5.08 -12.31
N ILE A 8 4.20 4.10 -12.87
CA ILE A 8 3.58 4.29 -14.16
C ILE A 8 2.08 4.56 -14.08
N PHE A 9 1.50 4.44 -12.88
CA PHE A 9 0.04 4.45 -12.76
C PHE A 9 -0.52 5.85 -12.55
N LEU A 10 -0.22 6.72 -13.51
CA LEU A 10 -0.54 8.14 -13.38
C LEU A 10 -2.04 8.36 -13.33
N ASN A 11 -2.77 7.79 -14.28
CA ASN A 11 -4.21 7.99 -14.31
C ASN A 11 -4.96 7.12 -13.30
N LEU A 12 -4.48 5.90 -13.08
CA LEU A 12 -5.08 5.06 -12.05
C LEU A 12 -5.02 5.73 -10.68
N ASN A 13 -3.84 6.22 -10.31
CA ASN A 13 -3.65 6.84 -9.00
C ASN A 13 -4.58 8.03 -8.77
N LYS A 14 -4.75 8.87 -9.78
CA LYS A 14 -5.68 10.00 -9.64
C LYS A 14 -7.06 9.51 -9.25
N LYS A 15 -7.54 8.48 -9.93
CA LYS A 15 -8.89 8.00 -9.75
C LYS A 15 -9.09 7.25 -8.44
N SER A 16 -8.16 6.33 -8.15
CA SER A 16 -8.28 5.55 -6.92
C SER A 16 -8.17 6.45 -5.68
N ILE A 17 -7.26 7.42 -5.72
CA ILE A 17 -7.12 8.36 -4.60
C ILE A 17 -8.38 9.21 -4.46
N ASN A 18 -8.89 9.71 -5.58
CA ASN A 18 -10.14 10.47 -5.58
C ASN A 18 -11.27 9.66 -4.94
N ASN A 19 -11.29 8.36 -5.21
CA ASN A 19 -12.37 7.48 -4.75
C ASN A 19 -12.12 6.85 -3.37
N ASN A 20 -11.01 7.22 -2.74
CA ASN A 20 -10.62 6.65 -1.45
C ASN A 20 -10.46 5.12 -1.51
N HIS A 21 -10.00 4.63 -2.66
CA HIS A 21 -9.75 3.20 -2.84
C HIS A 21 -8.27 2.95 -2.98
N PHE A 22 -7.56 3.32 -1.93
CA PHE A 22 -6.11 3.27 -1.90
C PHE A 22 -5.54 1.88 -2.19
N VAL A 23 -6.24 0.84 -1.71
CA VAL A 23 -5.78 -0.52 -1.93
C VAL A 23 -5.59 -0.86 -3.42
N ILE A 24 -6.42 -0.28 -4.29
CA ILE A 24 -6.28 -0.55 -5.72
C ILE A 24 -4.93 -0.04 -6.25
N SER A 25 -4.55 1.17 -5.89
CA SER A 25 -3.24 1.68 -6.29
C SER A 25 -2.10 0.93 -5.63
N ILE A 26 -2.23 0.59 -4.35
CA ILE A 26 -1.19 -0.17 -3.69
C ILE A 26 -1.00 -1.51 -4.39
N PHE A 27 -2.11 -2.14 -4.75
CA PHE A 27 -2.11 -3.42 -5.45
C PHE A 27 -1.30 -3.32 -6.74
N PHE A 28 -1.63 -2.36 -7.60
CA PHE A 28 -0.92 -2.23 -8.86
C PHE A 28 0.54 -1.80 -8.70
N GLU A 29 0.82 -0.87 -7.80
CA GLU A 29 2.20 -0.44 -7.57
C GLU A 29 3.07 -1.60 -7.08
N THR A 30 2.49 -2.45 -6.24
CA THR A 30 3.18 -3.62 -5.71
C THR A 30 3.57 -4.59 -6.84
N ILE A 31 2.61 -4.95 -7.67
CA ILE A 31 2.87 -5.92 -8.73
C ILE A 31 3.88 -5.36 -9.72
N TYR A 32 3.72 -4.10 -10.11
CA TYR A 32 4.65 -3.51 -11.06
C TYR A 32 6.07 -3.45 -10.50
N GLN A 33 6.19 -3.14 -9.22
CA GLN A 33 7.52 -3.01 -8.63
C GLN A 33 8.21 -4.37 -8.44
N PHE A 34 7.48 -5.36 -7.95
CA PHE A 34 8.10 -6.61 -7.51
C PHE A 34 8.06 -7.76 -8.52
N GLU A 35 7.17 -7.67 -9.50
CA GLU A 35 6.98 -8.76 -10.44
C GLU A 35 7.36 -8.32 -11.85
N THR A 36 7.42 -9.27 -12.77
CA THR A 36 7.78 -8.96 -14.15
C THR A 36 6.59 -8.34 -14.88
N LYS A 37 6.86 -7.71 -16.02
CA LYS A 37 5.79 -7.17 -16.85
C LYS A 37 4.85 -8.27 -17.36
N ASP A 38 5.42 -9.44 -17.68
CA ASP A 38 4.58 -10.57 -18.11
C ASP A 38 3.63 -11.01 -17.00
N THR A 39 4.09 -10.97 -15.76
CA THR A 39 3.22 -11.31 -14.63
C THR A 39 2.10 -10.28 -14.48
N LEU A 40 2.43 -9.00 -14.63
CA LEU A 40 1.43 -7.94 -14.58
C LEU A 40 0.38 -8.16 -15.66
N LEU A 41 0.82 -8.57 -16.85
CA LEU A 41 -0.12 -8.87 -17.92
C LEU A 41 -1.11 -9.97 -17.51
N GLU A 42 -0.62 -11.01 -16.84
CA GLU A 42 -1.50 -12.09 -16.38
C GLU A 42 -2.48 -11.58 -15.32
N CYS A 43 -2.02 -10.68 -14.46
CA CYS A 43 -2.90 -10.01 -13.49
C CYS A 43 -4.07 -9.33 -14.19
N PHE A 44 -3.79 -8.59 -15.25
CA PHE A 44 -4.84 -7.94 -16.03
C PHE A 44 -5.78 -8.95 -16.68
N LYS A 45 -5.23 -10.04 -17.18
CA LYS A 45 -6.00 -11.03 -17.92
C LYS A 45 -6.96 -11.83 -17.04
N ASN A 46 -6.50 -12.18 -15.85
CA ASN A 46 -7.21 -13.12 -15.00
CA ASN A 46 -7.23 -13.14 -15.02
C ASN A 46 -8.55 -12.63 -14.44
N ILE A 47 -8.72 -11.32 -14.37
CA ILE A 47 -9.95 -10.80 -13.78
C ILE A 47 -11.18 -11.16 -14.62
N THR A 48 -11.00 -11.36 -15.92
CA THR A 48 -12.16 -11.76 -16.74
C THR A 48 -12.10 -13.22 -17.18
N THR A 49 -11.13 -13.97 -16.66
CA THR A 49 -11.10 -15.41 -16.88
C THR A 49 -11.36 -16.15 -15.56
N THR A 50 -10.30 -16.43 -14.82
CA THR A 50 -10.42 -17.22 -13.59
C THR A 50 -11.06 -16.42 -12.45
N GLY A 51 -10.91 -15.11 -12.50
CA GLY A 51 -11.48 -14.24 -11.47
C GLY A 51 -10.62 -14.10 -10.24
N HIS A 52 -9.41 -14.66 -10.28
CA HIS A 52 -8.50 -14.50 -9.15
C HIS A 52 -7.04 -14.43 -9.57
N PHE A 53 -6.23 -13.79 -8.74
CA PHE A 53 -4.81 -13.64 -9.00
C PHE A 53 -4.13 -13.32 -7.68
N GLY A 54 -2.94 -13.85 -7.46
CA GLY A 54 -2.21 -13.57 -6.24
C GLY A 54 -0.72 -13.69 -6.37
N VAL A 55 -0.02 -12.71 -5.78
CA VAL A 55 1.42 -12.77 -5.57
C VAL A 55 1.68 -12.42 -4.11
N ILE A 56 2.92 -12.51 -3.67
CA ILE A 56 3.25 -12.05 -2.33
C ILE A 56 2.93 -10.56 -2.24
N GLY A 57 2.07 -10.19 -1.28
CA GLY A 57 1.73 -8.80 -1.06
C GLY A 57 0.55 -8.22 -1.83
N ALA A 58 -0.06 -8.97 -2.73
CA ALA A 58 -1.18 -8.42 -3.50
C ALA A 58 -2.03 -9.53 -4.12
N GLN A 59 -3.34 -9.48 -3.92
CA GLN A 59 -4.22 -10.48 -4.52
C GLN A 59 -5.62 -9.94 -4.73
N TYR A 60 -6.35 -10.58 -5.64
CA TYR A 60 -7.78 -10.36 -5.72
C TYR A 60 -8.51 -11.67 -5.96
N GLU A 61 -9.79 -11.67 -5.60
CA GLU A 61 -10.65 -12.80 -5.88
CA GLU A 61 -10.66 -12.81 -5.85
C GLU A 61 -12.10 -12.34 -5.97
N LYS A 62 -12.75 -12.69 -7.06
CA LYS A 62 -14.18 -12.42 -7.16
C LYS A 62 -14.89 -13.16 -6.04
N ILE A 63 -15.86 -12.50 -5.43
CA ILE A 63 -16.57 -13.05 -4.28
C ILE A 63 -17.72 -13.94 -4.71
N ASP A 64 -17.71 -15.16 -4.19
CA ASP A 64 -18.78 -16.12 -4.43
C ASP A 64 -19.86 -15.90 -3.36
N ALA A 65 -20.89 -15.15 -3.70
CA ALA A 65 -21.93 -14.82 -2.72
C ALA A 65 -22.86 -16.00 -2.39
N THR A 66 -22.68 -17.13 -3.07
CA THR A 66 -23.43 -18.34 -2.73
C THR A 66 -22.73 -19.14 -1.62
N ARG A 67 -21.49 -18.76 -1.32
CA ARG A 67 -20.74 -19.40 -0.25
C ARG A 67 -20.54 -18.45 0.92
N TRP A 68 -19.95 -18.95 2.01
CA TRP A 68 -19.79 -18.16 3.24
C TRP A 68 -19.11 -16.82 2.98
N ILE A 69 -19.70 -15.76 3.52
CA ILE A 69 -19.08 -14.44 3.41
C ILE A 69 -18.78 -13.83 4.78
N GLY A 70 -18.91 -14.64 5.83
CA GLY A 70 -18.69 -14.17 7.18
C GLY A 70 -17.33 -13.54 7.43
N ASP A 71 -16.30 -14.05 6.77
CA ASP A 71 -14.94 -13.52 6.94
C ASP A 71 -14.72 -12.16 6.27
N TYR A 72 -15.70 -11.69 5.50
CA TYR A 72 -15.61 -10.39 4.85
C TYR A 72 -16.31 -9.30 5.66
N GLU A 73 -16.98 -9.69 6.75
CA GLU A 73 -17.89 -8.78 7.45
C GLU A 73 -17.28 -7.46 7.91
N GLU A 74 -15.99 -7.50 8.25
CA GLU A 74 -15.30 -6.32 8.76
C GLU A 74 -14.53 -5.56 7.68
N VAL A 75 -14.62 -6.03 6.44
CA VAL A 75 -13.87 -5.41 5.35
C VAL A 75 -14.62 -4.21 4.79
N ASN A 76 -13.89 -3.12 4.57
CA ASN A 76 -14.42 -1.97 3.87
C ASN A 76 -14.99 -2.39 2.50
N GLY A 77 -16.28 -2.18 2.30
CA GLY A 77 -16.95 -2.59 1.08
C GLY A 77 -17.81 -3.84 1.20
N PHE A 78 -17.82 -4.46 2.39
CA PHE A 78 -18.67 -5.62 2.63
C PHE A 78 -20.10 -5.41 2.15
N GLU A 79 -20.62 -4.20 2.32
CA GLU A 79 -22.01 -3.92 1.95
C GLU A 79 -22.29 -4.03 0.44
N TYR A 80 -21.25 -4.01 -0.39
CA TYR A 80 -21.47 -4.19 -1.82
C TYR A 80 -21.95 -5.59 -2.18
N ILE A 81 -21.57 -6.59 -1.38
CA ILE A 81 -21.83 -7.98 -1.76
C ILE A 81 -23.31 -8.27 -1.99
N ASP A 82 -24.17 -7.74 -1.13
CA ASP A 82 -25.61 -7.97 -1.23
C ASP A 82 -26.24 -7.14 -2.36
N LYS A 83 -25.49 -6.19 -2.92
CA LYS A 83 -26.02 -5.27 -3.91
C LYS A 83 -25.65 -5.59 -5.36
N ALA A 84 -24.45 -6.12 -5.56
CA ALA A 84 -23.93 -6.35 -6.90
C ALA A 84 -22.81 -7.37 -6.84
N PRO A 85 -22.53 -8.04 -7.98
CA PRO A 85 -21.33 -8.89 -8.05
C PRO A 85 -20.10 -8.08 -7.63
N SER A 86 -19.35 -8.64 -6.69
CA SER A 86 -18.28 -7.91 -6.03
C SER A 86 -16.96 -8.66 -6.03
N ILE A 87 -15.89 -7.97 -5.68
CA ILE A 87 -14.55 -8.53 -5.73
C ILE A 87 -13.72 -8.04 -4.56
N TYR A 88 -12.92 -8.94 -4.01
CA TYR A 88 -12.08 -8.68 -2.85
C TYR A 88 -10.65 -8.46 -3.29
N PHE A 89 -10.03 -7.42 -2.73
CA PHE A 89 -8.62 -7.12 -2.94
C PHE A 89 -7.92 -7.10 -1.60
N SER A 90 -6.70 -7.62 -1.54
CA SER A 90 -5.89 -7.41 -0.36
C SER A 90 -4.45 -7.13 -0.72
N VAL A 91 -3.79 -6.36 0.14
CA VAL A 91 -2.37 -6.10 0.02
C VAL A 91 -1.71 -6.31 1.38
N GLY A 92 -0.41 -6.51 1.39
CA GLY A 92 0.26 -6.92 2.61
C GLY A 92 0.20 -8.44 2.79
N ASP A 93 0.38 -8.92 4.02
CA ASP A 93 0.40 -10.36 4.27
C ASP A 93 -0.90 -10.84 4.93
N ASP A 94 -1.23 -12.12 4.75
CA ASP A 94 -2.51 -12.64 5.22
C ASP A 94 -2.64 -12.71 6.74
N PHE A 95 -1.52 -12.54 7.46
CA PHE A 95 -1.59 -12.44 8.92
C PHE A 95 -2.44 -11.24 9.32
N ASN A 96 -2.29 -10.16 8.56
CA ASN A 96 -2.96 -8.91 8.87
C ASN A 96 -3.00 -8.06 7.60
N PRO A 97 -3.85 -8.45 6.66
CA PRO A 97 -3.86 -7.79 5.35
C PRO A 97 -4.67 -6.51 5.34
N GLU A 98 -4.33 -5.63 4.41
CA GLU A 98 -5.12 -4.44 4.16
C GLU A 98 -6.12 -4.81 3.06
N GLU A 99 -7.40 -4.62 3.32
CA GLU A 99 -8.45 -5.24 2.51
C GLU A 99 -9.47 -4.24 1.96
N LEU A 100 -9.98 -4.53 0.79
CA LEU A 100 -11.02 -3.70 0.16
C LEU A 100 -11.93 -4.56 -0.71
N ILE A 101 -13.23 -4.30 -0.63
CA ILE A 101 -14.19 -4.93 -1.52
C ILE A 101 -14.88 -3.83 -2.31
N ILE A 102 -15.03 -4.05 -3.62
CA ILE A 102 -15.72 -3.12 -4.51
C ILE A 102 -16.57 -3.91 -5.50
N PRO A 103 -17.54 -3.26 -6.14
CA PRO A 103 -18.28 -3.97 -7.19
C PRO A 103 -17.33 -4.35 -8.34
N ILE A 104 -17.61 -5.47 -8.99
CA ILE A 104 -16.83 -5.90 -10.14
C ILE A 104 -16.85 -4.86 -11.26
N ASN A 105 -17.98 -4.19 -11.49
CA ASN A 105 -18.01 -3.17 -12.52
CA ASN A 105 -18.03 -3.14 -12.50
C ASN A 105 -16.98 -2.06 -12.27
N LEU A 106 -16.85 -1.62 -11.02
CA LEU A 106 -15.86 -0.62 -10.68
C LEU A 106 -14.44 -1.19 -10.80
N ALA A 107 -14.25 -2.44 -10.42
CA ALA A 107 -12.95 -3.09 -10.60
C ALA A 107 -12.54 -3.09 -12.07
N TYR A 108 -13.48 -3.41 -12.96
CA TYR A 108 -13.20 -3.35 -14.40
C TYR A 108 -12.83 -1.93 -14.84
N HIS A 109 -13.52 -0.94 -14.26
CA HIS A 109 -13.25 0.46 -14.52
C HIS A 109 -11.79 0.78 -14.13
N TYR A 110 -11.38 0.35 -12.95
CA TYR A 110 -10.00 0.56 -12.51
C TYR A 110 -8.98 -0.18 -13.38
N PHE A 111 -9.27 -1.44 -13.69
CA PHE A 111 -8.35 -2.23 -14.50
C PHE A 111 -8.19 -1.64 -15.91
N ASN A 112 -9.26 -1.05 -16.44
CA ASN A 112 -9.22 -0.42 -17.75
C ASN A 112 -8.28 0.79 -17.74
N ILE A 113 -8.29 1.53 -16.65
CA ILE A 113 -7.39 2.67 -16.48
C ILE A 113 -5.96 2.19 -16.25
N ALA A 114 -5.79 1.21 -15.37
CA ALA A 114 -4.47 0.70 -15.06
C ALA A 114 -3.77 0.09 -16.27
N ILE A 115 -4.53 -0.64 -17.09
CA ILE A 115 -3.93 -1.28 -18.25
C ILE A 115 -3.56 -0.24 -19.31
N SER A 116 -4.32 0.84 -19.36
CA SER A 116 -3.98 1.99 -20.18
C SER A 116 -2.66 2.61 -19.73
N ASP A 117 -2.50 2.85 -18.43
CA ASP A 117 -1.22 3.32 -17.88
C ASP A 117 -0.08 2.40 -18.30
N PHE A 118 -0.32 1.10 -18.23
CA PHE A 118 0.69 0.10 -18.55
C PHE A 118 1.10 0.17 -20.02
N LEU A 119 0.12 0.16 -20.93
CA LEU A 119 0.46 0.16 -22.36
C LEU A 119 1.08 1.49 -22.81
N ILE A 120 0.68 2.58 -22.16
CA ILE A 120 1.26 3.88 -22.46
C ILE A 120 2.74 3.89 -22.09
N ALA A 121 3.06 3.33 -20.93
CA ALA A 121 4.43 3.29 -20.44
C ALA A 121 5.28 2.26 -21.19
N HIS A 122 4.65 1.16 -21.60
CA HIS A 122 5.35 0.04 -22.21
C HIS A 122 4.70 -0.37 -23.52
N PRO A 123 4.96 0.41 -24.58
CA PRO A 123 4.24 0.22 -25.84
C PRO A 123 4.45 -1.14 -26.49
N GLU A 124 5.47 -1.89 -26.07
CA GLU A 124 5.68 -3.23 -26.61
C GLU A 124 4.49 -4.16 -26.30
N TYR A 125 3.70 -3.79 -25.29
CA TYR A 125 2.55 -4.60 -24.89
C TYR A 125 1.23 -4.10 -25.48
N GLN A 126 1.31 -3.18 -26.44
CA GLN A 126 0.13 -2.55 -27.04
C GLN A 126 -1.00 -3.51 -27.40
N LYS A 127 -0.70 -4.48 -28.27
CA LYS A 127 -1.73 -5.39 -28.76
C LYS A 127 -2.34 -6.26 -27.67
N LYS A 128 -1.50 -6.89 -26.84
CA LYS A 128 -1.99 -7.75 -25.78
C LYS A 128 -2.90 -6.99 -24.84
N CYS A 129 -2.53 -5.75 -24.54
CA CYS A 129 -3.32 -4.92 -23.63
C CYS A 129 -4.64 -4.50 -24.25
N LYS A 130 -4.64 -4.14 -25.52
CA LYS A 130 -5.86 -3.74 -26.20
C LYS A 130 -6.87 -4.88 -26.23
N GLU A 131 -6.37 -6.09 -26.46
CA GLU A 131 -7.20 -7.28 -26.48
C GLU A 131 -7.82 -7.56 -25.12
N ILE A 132 -7.07 -7.36 -24.05
CA ILE A 132 -7.59 -7.57 -22.71
C ILE A 132 -8.61 -6.48 -22.38
N GLN A 133 -8.30 -5.26 -22.79
CA GLN A 133 -9.17 -4.13 -22.51
C GLN A 133 -10.58 -4.31 -23.05
N LYS A 134 -10.68 -4.91 -24.23
CA LYS A 134 -11.99 -5.07 -24.84
CA LYS A 134 -11.95 -5.19 -24.89
C LYS A 134 -12.88 -6.02 -24.02
N THR A 135 -12.27 -6.86 -23.18
CA THR A 135 -13.04 -7.77 -22.32
C THR A 135 -13.64 -7.06 -21.11
N TYR A 136 -13.06 -5.92 -20.73
CA TYR A 136 -13.53 -5.17 -19.58
C TYR A 136 -14.90 -4.53 -19.81
N ASN B 7 -10.76 3.98 5.14
CA ASN B 7 -9.38 4.28 5.52
C ASN B 7 -9.27 5.71 6.08
N ILE B 8 -8.74 5.87 7.30
CA ILE B 8 -8.55 7.20 7.87
C ILE B 8 -7.30 7.93 7.39
N PHE B 9 -6.40 7.23 6.71
CA PHE B 9 -5.14 7.83 6.31
C PHE B 9 -5.23 8.50 4.96
N LEU B 10 -6.14 9.47 4.87
CA LEU B 10 -6.47 10.09 3.59
C LEU B 10 -5.27 10.81 2.99
N ASN B 11 -4.66 11.68 3.78
CA ASN B 11 -3.52 12.45 3.28
C ASN B 11 -2.23 11.65 3.18
N LEU B 12 -2.04 10.72 4.11
CA LEU B 12 -0.88 9.84 4.06
C LEU B 12 -0.89 8.99 2.81
N ASN B 13 -2.03 8.37 2.52
CA ASN B 13 -2.13 7.52 1.34
C ASN B 13 -1.90 8.29 0.06
N LYS B 14 -2.50 9.47 -0.04
CA LYS B 14 -2.33 10.26 -1.25
C LYS B 14 -0.85 10.53 -1.52
N LYS B 15 -0.13 11.01 -0.50
CA LYS B 15 1.26 11.37 -0.70
C LYS B 15 2.12 10.14 -0.95
N SER B 16 1.94 9.11 -0.14
CA SER B 16 2.78 7.93 -0.28
C SER B 16 2.55 7.19 -1.61
N ILE B 17 1.29 7.03 -2.00
CA ILE B 17 0.98 6.40 -3.28
C ILE B 17 1.56 7.22 -4.44
N ASN B 18 1.39 8.54 -4.40
CA ASN B 18 1.93 9.37 -5.47
C ASN B 18 3.46 9.35 -5.54
N ASN B 19 4.10 9.01 -4.42
CA ASN B 19 5.55 8.88 -4.37
C ASN B 19 6.05 7.45 -4.63
N ASN B 20 5.12 6.53 -4.93
CA ASN B 20 5.47 5.12 -5.16
C ASN B 20 6.00 4.47 -3.88
N HIS B 21 5.61 5.01 -2.73
CA HIS B 21 6.03 4.47 -1.45
C HIS B 21 4.90 3.74 -0.75
N PHE B 22 4.31 2.79 -1.48
CA PHE B 22 3.18 2.03 -1.00
C PHE B 22 3.47 1.23 0.28
N VAL B 23 4.73 0.91 0.53
CA VAL B 23 5.09 0.24 1.79
C VAL B 23 4.69 1.09 3.00
N ILE B 24 4.86 2.41 2.88
CA ILE B 24 4.45 3.32 3.95
C ILE B 24 2.94 3.29 4.19
N SER B 25 2.18 3.28 3.10
CA SER B 25 0.71 3.18 3.15
C SER B 25 0.30 1.93 3.92
N ILE B 26 0.91 0.81 3.58
CA ILE B 26 0.57 -0.47 4.20
C ILE B 26 0.99 -0.48 5.66
N PHE B 27 2.17 0.07 5.94
CA PHE B 27 2.70 0.13 7.30
C PHE B 27 1.69 0.77 8.27
N PHE B 28 1.23 1.96 7.94
CA PHE B 28 0.32 2.64 8.84
C PHE B 28 -1.07 2.00 8.93
N GLU B 29 -1.62 1.58 7.80
CA GLU B 29 -2.96 1.00 7.84
C GLU B 29 -3.00 -0.30 8.62
N THR B 30 -1.98 -1.13 8.43
CA THR B 30 -2.01 -2.44 9.08
C THR B 30 -1.78 -2.32 10.60
N ILE B 31 -0.91 -1.41 11.02
CA ILE B 31 -0.72 -1.18 12.46
C ILE B 31 -1.99 -0.60 13.08
N TYR B 32 -2.57 0.40 12.43
CA TYR B 32 -3.79 1.02 12.93
C TYR B 32 -4.94 0.01 13.10
N GLN B 33 -5.13 -0.85 12.13
CA GLN B 33 -6.29 -1.71 12.18
C GLN B 33 -6.13 -2.88 13.15
N PHE B 34 -4.89 -3.26 13.43
CA PHE B 34 -4.63 -4.51 14.17
C PHE B 34 -4.14 -4.27 15.59
N GLU B 35 -3.30 -3.25 15.77
CA GLU B 35 -2.76 -2.95 17.09
C GLU B 35 -3.65 -1.95 17.81
N THR B 36 -3.42 -1.81 19.12
CA THR B 36 -4.18 -0.82 19.89
C THR B 36 -3.75 0.59 19.52
N LYS B 37 -4.56 1.58 19.87
CA LYS B 37 -4.21 2.95 19.57
C LYS B 37 -3.00 3.37 20.39
N ASP B 38 -2.86 2.83 21.60
CA ASP B 38 -1.68 3.12 22.42
C ASP B 38 -0.41 2.61 21.74
N THR B 39 -0.48 1.43 21.12
CA THR B 39 0.65 0.92 20.35
C THR B 39 0.97 1.82 19.16
N LEU B 40 -0.05 2.27 18.44
CA LEU B 40 0.18 3.19 17.34
C LEU B 40 0.87 4.47 17.81
N LEU B 41 0.47 5.00 18.96
CA LEU B 41 1.14 6.17 19.53
C LEU B 41 2.63 5.91 19.78
N GLU B 42 2.95 4.71 20.25
CA GLU B 42 4.36 4.36 20.48
C GLU B 42 5.12 4.26 19.15
N CYS B 43 4.45 3.71 18.14
CA CYS B 43 4.99 3.69 16.78
C CYS B 43 5.31 5.11 16.29
N PHE B 44 4.41 6.06 16.53
CA PHE B 44 4.67 7.45 16.16
C PHE B 44 5.85 8.05 16.93
N LYS B 45 6.00 7.65 18.20
CA LYS B 45 7.03 8.23 19.07
C LYS B 45 8.43 7.72 18.83
N ASN B 46 8.54 6.42 18.53
CA ASN B 46 9.84 5.75 18.54
C ASN B 46 10.81 6.29 17.50
N ILE B 47 10.28 6.86 16.43
CA ILE B 47 11.14 7.41 15.40
C ILE B 47 12.05 8.52 15.95
N THR B 48 11.57 9.24 16.96
CA THR B 48 12.33 10.34 17.58
C THR B 48 13.27 9.86 18.68
N THR B 49 13.01 8.67 19.22
CA THR B 49 13.79 8.19 20.36
C THR B 49 14.74 7.07 19.98
N THR B 50 14.25 5.83 20.02
CA THR B 50 15.08 4.66 19.74
C THR B 50 15.40 4.52 18.26
N GLY B 51 14.52 5.06 17.42
CA GLY B 51 14.71 4.99 15.97
C GLY B 51 14.21 3.69 15.38
N HIS B 52 13.53 2.87 16.18
CA HIS B 52 12.99 1.62 15.66
C HIS B 52 11.70 1.19 16.34
N PHE B 53 10.91 0.43 15.61
CA PHE B 53 9.64 -0.08 16.11
C PHE B 53 9.30 -1.30 15.29
N GLY B 54 8.75 -2.33 15.93
CA GLY B 54 8.40 -3.53 15.22
C GLY B 54 7.25 -4.29 15.83
N VAL B 55 6.33 -4.72 14.96
CA VAL B 55 5.27 -5.64 15.30
C VAL B 55 5.29 -6.76 14.28
N ILE B 56 4.44 -7.76 14.46
CA ILE B 56 4.37 -8.81 13.46
C ILE B 56 3.84 -8.21 12.16
N GLY B 57 4.63 -8.30 11.10
CA GLY B 57 4.23 -7.82 9.80
C GLY B 57 4.50 -6.36 9.48
N ALA B 58 5.20 -5.64 10.37
CA ALA B 58 5.51 -4.24 10.11
C ALA B 58 6.62 -3.74 11.02
N GLN B 59 7.62 -3.07 10.45
CA GLN B 59 8.68 -2.50 11.25
C GLN B 59 9.39 -1.37 10.54
N TYR B 60 10.07 -0.53 11.32
CA TYR B 60 11.07 0.38 10.78
C TYR B 60 12.30 0.39 11.66
N GLU B 61 13.42 0.78 11.06
CA GLU B 61 14.65 0.94 11.78
C GLU B 61 15.49 1.97 11.06
N LYS B 62 15.92 3.01 11.76
CA LYS B 62 16.90 3.92 11.19
C LYS B 62 18.15 3.12 10.84
N ILE B 63 18.76 3.45 9.70
CA ILE B 63 19.90 2.70 9.21
C ILE B 63 21.19 3.27 9.78
N ASP B 64 21.94 2.41 10.48
CA ASP B 64 23.24 2.80 11.00
C ASP B 64 24.28 2.62 9.90
N ALA B 65 24.65 3.72 9.25
CA ALA B 65 25.59 3.65 8.14
C ALA B 65 27.04 3.40 8.55
N THR B 66 27.30 3.30 9.86
CA THR B 66 28.63 2.87 10.29
C THR B 66 28.72 1.36 10.37
N ARG B 67 27.58 0.68 10.25
CA ARG B 67 27.54 -0.77 10.27
C ARG B 67 27.16 -1.31 8.89
N TRP B 68 27.25 -2.63 8.71
CA TRP B 68 27.07 -3.26 7.42
C TRP B 68 25.74 -2.89 6.78
N ILE B 69 25.78 -2.52 5.51
CA ILE B 69 24.54 -2.27 4.77
C ILE B 69 24.36 -3.23 3.58
N GLY B 70 25.19 -4.26 3.51
CA GLY B 70 25.16 -5.18 2.39
C GLY B 70 23.83 -5.88 2.18
N ASP B 71 23.10 -6.13 3.26
CA ASP B 71 21.79 -6.77 3.12
C ASP B 71 20.65 -5.82 2.75
N TYR B 72 20.99 -4.55 2.51
CA TYR B 72 20.01 -3.60 1.98
C TYR B 72 20.16 -3.39 0.46
N GLU B 73 21.15 -4.03 -0.15
CA GLU B 73 21.53 -3.72 -1.53
C GLU B 73 20.42 -3.91 -2.56
N GLU B 74 19.51 -4.84 -2.30
CA GLU B 74 18.42 -5.16 -3.22
C GLU B 74 17.12 -4.44 -2.87
N VAL B 75 17.13 -3.67 -1.79
CA VAL B 75 15.94 -2.96 -1.34
C VAL B 75 15.74 -1.65 -2.13
N ASN B 76 14.49 -1.38 -2.51
CA ASN B 76 14.13 -0.09 -3.13
C ASN B 76 14.55 1.04 -2.21
N GLY B 77 15.37 1.96 -2.70
CA GLY B 77 15.81 3.07 -1.87
C GLY B 77 17.19 2.91 -1.29
N PHE B 78 17.84 1.78 -1.58
CA PHE B 78 19.21 1.57 -1.12
C PHE B 78 20.12 2.77 -1.40
N GLU B 79 19.94 3.38 -2.56
CA GLU B 79 20.80 4.49 -2.96
C GLU B 79 20.74 5.73 -2.04
N TYR B 80 19.70 5.83 -1.22
CA TYR B 80 19.63 6.94 -0.28
C TYR B 80 20.69 6.88 0.81
N ILE B 81 21.11 5.66 1.17
CA ILE B 81 21.98 5.50 2.35
C ILE B 81 23.27 6.32 2.22
N ASP B 82 23.89 6.27 1.04
CA ASP B 82 25.13 7.00 0.83
C ASP B 82 24.93 8.52 0.75
N LYS B 83 23.69 8.97 0.58
CA LYS B 83 23.40 10.39 0.36
C LYS B 83 22.94 11.15 1.60
N ALA B 84 22.24 10.46 2.51
CA ALA B 84 21.63 11.13 3.66
C ALA B 84 21.26 10.10 4.72
N PRO B 85 21.09 10.54 5.98
CA PRO B 85 20.54 9.66 7.00
C PRO B 85 19.22 9.05 6.52
N SER B 86 19.14 7.73 6.58
CA SER B 86 18.04 6.98 5.99
C SER B 86 17.40 6.01 6.96
N ILE B 87 16.26 5.47 6.57
CA ILE B 87 15.50 4.59 7.42
C ILE B 87 14.86 3.48 6.59
N TYR B 88 14.86 2.29 7.17
CA TYR B 88 14.33 1.08 6.53
C TYR B 88 12.94 0.78 7.05
N PHE B 89 12.02 0.49 6.14
CA PHE B 89 10.68 0.01 6.48
C PHE B 89 10.45 -1.34 5.85
N SER B 90 9.71 -2.20 6.55
CA SER B 90 9.22 -3.40 5.90
C SER B 90 7.82 -3.77 6.37
N VAL B 91 7.07 -4.40 5.49
CA VAL B 91 5.77 -4.96 5.85
C VAL B 91 5.65 -6.38 5.32
N GLY B 92 4.82 -7.17 5.98
CA GLY B 92 4.57 -8.53 5.55
C GLY B 92 5.45 -9.55 6.26
N ASP B 93 5.46 -10.76 5.69
CA ASP B 93 6.18 -11.90 6.25
C ASP B 93 7.68 -11.63 6.41
N ASP B 94 8.24 -12.12 7.50
CA ASP B 94 9.66 -11.96 7.80
C ASP B 94 10.54 -12.58 6.72
N PHE B 95 10.06 -13.65 6.10
CA PHE B 95 10.83 -14.37 5.08
C PHE B 95 10.82 -13.67 3.73
N ASN B 96 9.67 -13.08 3.37
CA ASN B 96 9.54 -12.37 2.11
C ASN B 96 8.94 -10.99 2.30
N PRO B 97 9.65 -10.11 3.02
CA PRO B 97 9.03 -8.83 3.35
C PRO B 97 9.00 -7.88 2.16
N GLU B 98 8.06 -6.94 2.19
CA GLU B 98 8.04 -5.86 1.21
C GLU B 98 8.79 -4.69 1.84
N GLU B 99 9.88 -4.26 1.20
CA GLU B 99 10.83 -3.37 1.86
C GLU B 99 10.98 -2.04 1.15
N LEU B 100 11.31 -1.01 1.92
CA LEU B 100 11.55 0.32 1.36
C LEU B 100 12.53 1.07 2.23
N ILE B 101 13.46 1.77 1.60
CA ILE B 101 14.34 2.70 2.30
C ILE B 101 14.09 4.11 1.80
N ILE B 102 13.97 5.06 2.72
CA ILE B 102 13.81 6.46 2.38
C ILE B 102 14.66 7.35 3.28
N PRO B 103 14.93 8.60 2.88
CA PRO B 103 15.62 9.49 3.82
C PRO B 103 14.79 9.73 5.07
N ILE B 104 15.45 9.92 6.21
CA ILE B 104 14.76 10.22 7.45
C ILE B 104 13.88 11.48 7.35
N ASN B 105 14.33 12.48 6.61
CA ASN B 105 13.52 13.69 6.44
C ASN B 105 12.17 13.36 5.83
N LEU B 106 12.18 12.54 4.78
CA LEU B 106 10.93 12.13 4.15
C LEU B 106 10.10 11.27 5.09
N ALA B 107 10.75 10.41 5.85
CA ALA B 107 10.01 9.63 6.86
C ALA B 107 9.29 10.54 7.85
N TYR B 108 9.97 11.55 8.35
CA TYR B 108 9.31 12.50 9.26
C TYR B 108 8.12 13.20 8.60
N HIS B 109 8.27 13.55 7.33
CA HIS B 109 7.19 14.12 6.52
C HIS B 109 5.99 13.16 6.54
N TYR B 110 6.23 11.89 6.24
CA TYR B 110 5.14 10.91 6.28
C TYR B 110 4.54 10.75 7.67
N PHE B 111 5.37 10.68 8.69
CA PHE B 111 4.87 10.48 10.05
C PHE B 111 4.01 11.66 10.51
N ASN B 112 4.41 12.86 10.11
CA ASN B 112 3.67 14.05 10.49
C ASN B 112 2.30 14.07 9.80
N ILE B 113 2.26 13.62 8.55
CA ILE B 113 1.01 13.48 7.83
C ILE B 113 0.14 12.38 8.43
N ALA B 114 0.74 11.23 8.72
CA ALA B 114 0.02 10.10 9.30
C ALA B 114 -0.58 10.41 10.66
N ILE B 115 0.17 11.08 11.52
CA ILE B 115 -0.35 11.38 12.86
C ILE B 115 -1.46 12.44 12.78
N SER B 116 -1.35 13.32 11.79
CA SER B 116 -2.40 14.28 11.49
C SER B 116 -3.69 13.56 11.09
N ASP B 117 -3.59 12.62 10.15
CA ASP B 117 -4.74 11.81 9.75
C ASP B 117 -5.37 11.17 10.99
N PHE B 118 -4.51 10.62 11.85
CA PHE B 118 -4.99 9.91 13.03
C PHE B 118 -5.72 10.84 14.01
N LEU B 119 -5.11 11.97 14.35
CA LEU B 119 -5.74 12.86 15.32
C LEU B 119 -7.02 13.49 14.75
N ILE B 120 -7.05 13.70 13.44
CA ILE B 120 -8.24 14.25 12.80
C ILE B 120 -9.39 13.27 12.93
N ALA B 121 -9.09 11.98 12.75
CA ALA B 121 -10.10 10.93 12.83
C ALA B 121 -10.47 10.56 14.27
N HIS B 122 -9.52 10.76 15.19
CA HIS B 122 -9.69 10.38 16.60
C HIS B 122 -9.37 11.56 17.51
N PRO B 123 -10.27 12.55 17.57
CA PRO B 123 -10.01 13.79 18.30
C PRO B 123 -9.74 13.60 19.78
N GLU B 124 -10.16 12.47 20.35
CA GLU B 124 -9.86 12.14 21.73
C GLU B 124 -8.34 12.08 21.98
N TYR B 125 -7.55 11.91 20.92
CA TYR B 125 -6.10 11.83 21.05
C TYR B 125 -5.37 13.13 20.68
N GLN B 126 -6.11 14.23 20.61
CA GLN B 126 -5.58 15.54 20.21
C GLN B 126 -4.30 15.92 20.97
N LYS B 127 -4.39 15.97 22.29
CA LYS B 127 -3.29 16.42 23.14
C LYS B 127 -2.02 15.57 22.94
N LYS B 128 -2.18 14.26 22.97
CA LYS B 128 -1.03 13.36 22.87
C LYS B 128 -0.37 13.45 21.49
N CYS B 129 -1.17 13.55 20.45
CA CYS B 129 -0.64 13.63 19.09
C CYS B 129 0.05 14.96 18.83
N LYS B 130 -0.51 16.05 19.35
CA LYS B 130 0.14 17.35 19.22
C LYS B 130 1.50 17.37 19.93
N GLU B 131 1.58 16.71 21.07
CA GLU B 131 2.85 16.60 21.78
C GLU B 131 3.89 15.87 20.94
N ILE B 132 3.47 14.82 20.26
CA ILE B 132 4.37 14.05 19.42
C ILE B 132 4.79 14.87 18.19
N GLN B 133 3.85 15.58 17.59
CA GLN B 133 4.18 16.51 16.51
C GLN B 133 5.17 17.59 16.94
N LYS B 134 5.06 18.05 18.18
CA LYS B 134 5.99 19.03 18.73
C LYS B 134 7.39 18.43 18.75
N THR B 135 7.48 17.17 19.15
CA THR B 135 8.77 16.47 19.17
C THR B 135 9.35 16.36 17.76
N TYR B 136 8.49 16.12 16.77
CA TYR B 136 8.95 16.07 15.37
C TYR B 136 9.58 17.39 14.97
N SER B 137 8.92 18.48 15.34
CA SER B 137 9.39 19.82 14.98
C SER B 137 10.67 20.21 15.71
N GLN B 138 10.77 19.81 16.97
CA GLN B 138 11.99 20.01 17.75
C GLN B 138 13.15 19.27 17.09
N THR B 139 12.90 18.01 16.73
CA THR B 139 13.95 17.09 16.31
C THR B 139 14.37 17.27 14.86
N ASN B 140 13.40 17.56 14.00
CA ASN B 140 13.58 17.46 12.56
C ASN B 140 13.49 18.80 11.84
N CYS B 141 14.62 19.29 11.34
CA CYS B 141 14.68 20.61 10.69
C CYS B 141 13.82 20.70 9.44
#